data_1HKH
#
_entry.id   1HKH
#
_cell.length_a   240.874
_cell.length_b   240.874
_cell.length_c   240.874
_cell.angle_alpha   90.00
_cell.angle_beta   90.00
_cell.angle_gamma   90.00
#
_symmetry.space_group_name_H-M   'F 2 3'
#
loop_
_entity.id
_entity.type
_entity.pdbx_description
1 polymer 'GAMMA LACTAMASE'
2 non-polymer 'SULFATE ION'
3 water water
#
_entity_poly.entity_id   1
_entity_poly.type   'polypeptide(L)'
_entity_poly.pdbx_seq_one_letter_code
;GYITVGNENSTPIELYYEDQGSGQPVVLIHGYPLDGHSWERQTRELLAQGYRVITYDRRGFGGSSKVNTGYDYDTFAADL
HTVLETLDLRDVVLVGFSMGTGELARYVARYGHERVAKLAFLASLEPFLVQRDDNPEGVPQEVFDGIEAAAKGDRFAWFT
DFYKNFYNLDENLGSRISEQAVTGSWNVAIGSAPVAAYAVVPAWIEDFRSDVEAVRAAGKPTLILHGTKDNILPIDATAR
RFHQAVPEADYVEVEGAPHGLLWTHADEVNAALKTFLAK
;
_entity_poly.pdbx_strand_id   A,B
#
# COMPACT_ATOMS: atom_id res chain seq x y z
N GLY A 1 27.97 -11.21 13.04
CA GLY A 1 28.07 -11.12 11.54
C GLY A 1 27.75 -9.70 11.10
N TYR A 2 28.09 -9.38 9.85
CA TYR A 2 27.68 -8.10 9.26
C TYR A 2 27.17 -8.29 7.86
N ILE A 3 26.16 -7.47 7.52
CA ILE A 3 25.62 -7.40 6.17
C ILE A 3 25.70 -5.95 5.70
N THR A 4 26.31 -5.75 4.53
CA THR A 4 26.43 -4.41 3.97
C THR A 4 25.14 -4.00 3.29
N VAL A 5 24.64 -2.80 3.61
CA VAL A 5 23.35 -2.35 3.11
C VAL A 5 23.43 -1.04 2.33
N GLY A 6 24.63 -0.48 2.26
CA GLY A 6 24.79 0.81 1.60
C GLY A 6 26.13 1.43 1.91
N ASN A 7 26.24 2.73 1.63
CA ASN A 7 27.45 3.48 1.99
C ASN A 7 27.10 4.84 2.53
N GLU A 8 27.92 5.30 3.47
CA GLU A 8 27.82 6.68 3.94
C GLU A 8 29.19 7.27 3.65
N ASN A 9 29.24 8.12 2.61
CA ASN A 9 30.53 8.65 2.14
C ASN A 9 31.52 7.50 1.90
N SER A 10 32.72 7.55 2.48
CA SER A 10 33.75 6.54 2.24
C SER A 10 33.56 5.23 3.03
N THR A 11 32.49 5.13 3.82
CA THR A 11 32.32 3.96 4.70
C THR A 11 31.14 3.10 4.28
N PRO A 12 31.31 1.79 4.32
CA PRO A 12 30.16 0.90 4.08
C PRO A 12 29.21 0.98 5.28
N ILE A 13 27.91 0.89 5.01
CA ILE A 13 26.93 0.81 6.10
C ILE A 13 26.72 -0.68 6.36
N GLU A 14 27.13 -1.13 7.55
CA GLU A 14 27.11 -2.55 7.88
C GLU A 14 26.16 -2.75 9.06
N LEU A 15 25.28 -3.74 8.91
CA LEU A 15 24.37 -4.10 10.01
C LEU A 15 24.89 -5.34 10.70
N TYR A 16 25.03 -5.23 12.02
CA TYR A 16 25.43 -6.37 12.83
C TYR A 16 24.24 -7.33 12.89
N TYR A 17 24.52 -8.64 12.78
CA TYR A 17 23.44 -9.61 12.93
C TYR A 17 23.93 -10.91 13.51
N GLU A 18 22.97 -11.70 14.01
CA GLU A 18 23.25 -13.01 14.59
C GLU A 18 22.31 -14.00 13.91
N ASP A 19 22.79 -15.23 13.73
CA ASP A 19 22.04 -16.22 12.93
C ASP A 19 22.27 -17.56 13.60
N GLN A 20 21.23 -18.03 14.31
CA GLN A 20 21.42 -19.13 15.27
C GLN A 20 20.36 -20.21 15.09
N GLY A 21 20.72 -21.45 15.43
CA GLY A 21 19.76 -22.55 15.37
C GLY A 21 19.51 -23.10 13.97
N SER A 22 18.49 -23.95 13.87
CA SER A 22 18.10 -24.53 12.58
C SER A 22 16.59 -24.64 12.55
N GLY A 23 16.02 -24.61 11.36
CA GLY A 23 14.57 -24.69 11.22
C GLY A 23 14.08 -23.51 10.42
N GLN A 24 12.77 -23.28 10.49
CA GLN A 24 12.17 -22.17 9.76
C GLN A 24 12.80 -20.89 10.30
N PRO A 25 13.18 -19.96 9.42
CA PRO A 25 13.81 -18.71 9.88
C PRO A 25 12.82 -17.74 10.48
N VAL A 26 13.24 -17.11 11.57
CA VAL A 26 12.43 -16.11 12.25
C VAL A 26 13.37 -14.93 12.44
N VAL A 27 12.96 -13.77 11.96
CA VAL A 27 13.79 -12.57 12.06
C VAL A 27 13.15 -11.65 13.09
N LEU A 28 13.89 -11.28 14.14
CA LEU A 28 13.37 -10.43 15.20
C LEU A 28 14.03 -9.06 15.06
N ILE A 29 13.20 -8.02 15.03
CA ILE A 29 13.65 -6.65 14.74
C ILE A 29 13.33 -5.77 15.94
N HIS A 30 14.41 -5.38 16.63
CA HIS A 30 14.33 -4.75 17.95
C HIS A 30 13.78 -3.31 17.94
N GLY A 31 13.49 -2.83 19.15
CA GLY A 31 13.00 -1.46 19.33
C GLY A 31 14.08 -0.48 19.74
N TYR A 32 13.71 0.80 19.74
CA TYR A 32 14.60 1.87 20.18
C TYR A 32 14.71 1.86 21.70
N PRO A 33 15.89 2.11 22.28
CA PRO A 33 17.18 2.29 21.60
C PRO A 33 18.12 1.11 21.90
N LEU A 34 17.57 -0.10 21.75
CA LEU A 34 18.22 -1.32 22.19
C LEU A 34 18.93 -1.99 21.02
N ASP A 35 19.11 -3.30 21.08
CA ASP A 35 19.75 -4.04 20.00
C ASP A 35 19.19 -5.47 19.96
N GLY A 36 19.77 -6.34 19.14
CA GLY A 36 19.20 -7.68 18.97
C GLY A 36 19.17 -8.52 20.24
N HIS A 37 20.07 -8.23 21.19
CA HIS A 37 20.10 -8.98 22.47
C HIS A 37 18.91 -8.67 23.36
N SER A 38 18.18 -7.59 23.06
CA SER A 38 16.98 -7.26 23.85
C SER A 38 15.91 -8.34 23.73
N TRP A 39 16.03 -9.17 22.68
CA TRP A 39 15.12 -10.29 22.44
C TRP A 39 15.46 -11.54 23.24
N GLU A 40 16.47 -11.46 24.11
CA GLU A 40 17.03 -12.71 24.66
C GLU A 40 16.00 -13.67 25.28
N ARG A 41 14.98 -13.14 25.97
CA ARG A 41 13.98 -14.02 26.59
C ARG A 41 13.07 -14.69 25.56
N GLN A 42 12.95 -14.10 24.38
CA GLN A 42 12.21 -14.71 23.28
C GLN A 42 13.10 -15.62 22.43
N THR A 43 14.29 -15.14 22.11
CA THR A 43 15.23 -15.89 21.28
C THR A 43 15.44 -17.30 21.82
N ARG A 44 15.72 -17.42 23.11
CA ARG A 44 16.07 -18.72 23.63
C ARG A 44 14.90 -19.70 23.56
N GLU A 45 13.66 -19.19 23.67
CA GLU A 45 12.48 -20.06 23.55
C GLU A 45 12.24 -20.47 22.11
N LEU A 46 12.42 -19.54 21.17
CA LEU A 46 12.23 -19.89 19.78
C LEU A 46 13.27 -20.89 19.31
N LEU A 47 14.51 -20.73 19.77
CA LEU A 47 15.55 -21.71 19.45
C LEU A 47 15.16 -23.10 19.99
N ALA A 48 14.67 -23.13 21.24
CA ALA A 48 14.27 -24.42 21.85
C ALA A 48 13.10 -25.08 21.11
N GLN A 49 12.27 -24.27 20.45
CA GLN A 49 11.11 -24.75 19.69
C GLN A 49 11.50 -25.22 18.29
N GLY A 50 12.78 -25.10 17.93
CA GLY A 50 13.25 -25.58 16.64
C GLY A 50 13.15 -24.60 15.49
N TYR A 51 13.29 -23.30 15.80
CA TYR A 51 13.39 -22.28 14.77
C TYR A 51 14.82 -21.79 14.63
N ARG A 52 15.13 -21.28 13.44
CA ARG A 52 16.38 -20.60 13.19
C ARG A 52 16.13 -19.13 13.50
N VAL A 53 16.81 -18.58 14.49
CA VAL A 53 16.49 -17.22 14.95
C VAL A 53 17.59 -16.25 14.51
N ILE A 54 17.19 -15.22 13.78
CA ILE A 54 18.10 -14.20 13.27
C ILE A 54 17.67 -12.89 13.91
N THR A 55 18.63 -12.13 14.43
CA THR A 55 18.36 -10.75 14.80
C THR A 55 19.36 -9.89 14.10
N TYR A 56 19.02 -8.63 13.87
CA TYR A 56 20.03 -7.69 13.43
C TYR A 56 19.81 -6.38 14.14
N ASP A 57 20.84 -5.54 14.13
CA ASP A 57 20.74 -4.24 14.79
C ASP A 57 20.45 -3.16 13.76
N ARG A 58 19.42 -2.36 14.03
CA ARG A 58 19.05 -1.27 13.14
C ARG A 58 20.23 -0.31 12.97
N ARG A 59 20.37 0.26 11.76
CA ARG A 59 21.42 1.25 11.57
C ARG A 59 21.38 2.31 12.68
N GLY A 60 22.58 2.68 13.15
CA GLY A 60 22.72 3.60 14.26
C GLY A 60 22.71 2.98 15.65
N PHE A 61 22.31 1.71 15.75
CA PHE A 61 22.12 1.07 17.05
C PHE A 61 23.00 -0.16 17.24
N GLY A 62 23.25 -0.52 18.50
CA GLY A 62 23.95 -1.78 18.76
C GLY A 62 25.30 -1.84 18.06
N GLY A 63 25.53 -2.94 17.35
CA GLY A 63 26.78 -3.14 16.63
C GLY A 63 26.82 -2.62 15.20
N SER A 64 25.76 -1.94 14.77
CA SER A 64 25.67 -1.50 13.37
C SER A 64 26.30 -0.12 13.13
N SER A 65 26.55 0.20 11.85
CA SER A 65 27.19 1.48 11.52
C SER A 65 26.49 2.67 12.17
N LYS A 66 27.31 3.58 12.72
CA LYS A 66 26.77 4.72 13.46
C LYS A 66 26.61 5.89 12.49
N VAL A 67 25.66 5.74 11.57
CA VAL A 67 25.48 6.67 10.48
C VAL A 67 24.76 7.96 10.89
N ASN A 68 24.82 8.94 10.00
CA ASN A 68 24.08 10.18 10.18
C ASN A 68 22.83 10.22 9.33
N THR A 69 22.79 9.38 8.31
CA THR A 69 21.80 9.47 7.24
C THR A 69 20.86 8.26 7.24
N GLY A 70 19.63 8.45 6.77
CA GLY A 70 18.73 7.33 6.50
C GLY A 70 17.88 6.87 7.66
N TYR A 71 17.63 7.75 8.64
CA TYR A 71 16.75 7.40 9.75
C TYR A 71 15.30 7.66 9.33
N ASP A 72 14.84 6.82 8.41
CA ASP A 72 13.47 6.89 7.91
C ASP A 72 13.05 5.49 7.51
N TYR A 73 11.75 5.23 7.49
CA TYR A 73 11.33 3.85 7.24
C TYR A 73 11.53 3.33 5.81
N ASP A 74 11.59 4.21 4.81
CA ASP A 74 11.96 3.71 3.47
C ASP A 74 13.36 3.08 3.52
N THR A 75 14.27 3.76 4.22
CA THR A 75 15.64 3.25 4.36
C THR A 75 15.66 2.02 5.27
N PHE A 76 14.96 2.08 6.40
CA PHE A 76 14.96 0.93 7.32
C PHE A 76 14.39 -0.31 6.63
N ALA A 77 13.38 -0.12 5.77
CA ALA A 77 12.82 -1.24 5.02
C ALA A 77 13.78 -1.76 3.95
N ALA A 78 14.51 -0.85 3.30
CA ALA A 78 15.50 -1.25 2.31
C ALA A 78 16.61 -2.05 2.98
N ASP A 79 16.98 -1.66 4.21
CA ASP A 79 17.97 -2.41 4.98
C ASP A 79 17.48 -3.85 5.22
N LEU A 80 16.22 -3.97 5.66
CA LEU A 80 15.64 -5.28 5.92
C LEU A 80 15.61 -6.10 4.61
N HIS A 81 15.20 -5.46 3.52
CA HIS A 81 15.21 -6.11 2.21
C HIS A 81 16.58 -6.70 1.90
N THR A 82 17.63 -5.91 2.11
CA THR A 82 18.98 -6.39 1.85
C THR A 82 19.36 -7.57 2.76
N VAL A 83 18.94 -7.51 4.03
CA VAL A 83 19.19 -8.64 4.93
C VAL A 83 18.53 -9.92 4.41
N LEU A 84 17.25 -9.82 4.04
CA LEU A 84 16.51 -11.00 3.59
C LEU A 84 17.07 -11.53 2.26
N GLU A 85 17.45 -10.64 1.35
CA GLU A 85 18.02 -11.07 0.06
C GLU A 85 19.41 -11.67 0.23
N THR A 86 20.23 -11.03 1.06
CA THR A 86 21.60 -11.51 1.30
C THR A 86 21.60 -12.92 1.89
N LEU A 87 20.73 -13.14 2.87
CA LEU A 87 20.65 -14.45 3.52
C LEU A 87 19.74 -15.41 2.75
N ASP A 88 19.08 -14.89 1.72
CA ASP A 88 18.14 -15.66 0.89
C ASP A 88 17.15 -16.43 1.75
N LEU A 89 16.52 -15.72 2.68
CA LEU A 89 15.58 -16.36 3.57
C LEU A 89 14.23 -16.58 2.89
N ARG A 90 13.68 -17.78 3.08
CA ARG A 90 12.37 -18.12 2.55
C ARG A 90 11.47 -18.60 3.67
N ASP A 91 10.16 -18.40 3.48
CA ASP A 91 9.14 -18.77 4.48
C ASP A 91 9.50 -18.19 5.84
N VAL A 92 9.91 -16.93 5.82
CA VAL A 92 10.41 -16.29 7.04
C VAL A 92 9.27 -15.74 7.89
N VAL A 93 9.39 -15.89 9.21
CA VAL A 93 8.49 -15.22 10.14
C VAL A 93 9.17 -13.91 10.54
N LEU A 94 8.53 -12.77 10.25
CA LEU A 94 9.08 -11.48 10.67
C LEU A 94 8.39 -11.06 11.95
N VAL A 95 9.18 -10.64 12.94
CA VAL A 95 8.64 -10.21 14.22
C VAL A 95 9.26 -8.85 14.53
N GLY A 96 8.42 -7.84 14.71
CA GLY A 96 8.91 -6.52 15.06
C GLY A 96 8.46 -6.12 16.46
N PHE A 97 9.30 -5.37 17.17
CA PHE A 97 8.91 -4.78 18.45
C PHE A 97 9.14 -3.27 18.35
N SER A 98 8.11 -2.50 18.71
CA SER A 98 8.19 -1.04 18.75
C SER A 98 8.70 -0.50 17.38
N MET A 99 9.87 0.13 17.29
CA MET A 99 10.35 0.55 15.95
C MET A 99 10.32 -0.57 14.90
N GLY A 100 10.57 -1.82 15.32
CA GLY A 100 10.62 -2.93 14.39
C GLY A 100 9.29 -3.18 13.70
N THR A 101 8.18 -2.75 14.31
CA THR A 101 6.88 -2.92 13.63
C THR A 101 6.77 -2.06 12.38
N GLY A 102 7.56 -0.98 12.33
CA GLY A 102 7.62 -0.13 11.15
C GLY A 102 8.32 -0.84 10.00
N GLU A 103 9.45 -1.52 10.27
CA GLU A 103 10.10 -2.28 9.19
C GLU A 103 9.14 -3.27 8.56
N LEU A 104 8.36 -3.99 9.38
CA LEU A 104 7.51 -5.05 8.83
C LEU A 104 6.52 -4.50 7.81
N ALA A 105 5.82 -3.43 8.19
CA ALA A 105 4.77 -2.91 7.32
C ALA A 105 5.36 -2.23 6.09
N ARG A 106 6.42 -1.44 6.29
CA ARG A 106 7.00 -0.73 5.15
C ARG A 106 7.65 -1.72 4.20
N TYR A 107 8.26 -2.78 4.72
CA TYR A 107 8.85 -3.80 3.87
C TYR A 107 7.80 -4.45 2.95
N VAL A 108 6.66 -4.84 3.53
CA VAL A 108 5.64 -5.50 2.73
C VAL A 108 5.16 -4.50 1.67
N ALA A 109 4.95 -3.26 2.07
CA ALA A 109 4.48 -2.24 1.13
C ALA A 109 5.43 -2.02 -0.04
N ARG A 110 6.74 -2.00 0.23
CA ARG A 110 7.70 -1.64 -0.79
C ARG A 110 8.22 -2.80 -1.59
N TYR A 111 8.23 -3.99 -0.98
CA TYR A 111 8.88 -5.15 -1.57
C TYR A 111 8.01 -6.39 -1.74
N GLY A 112 6.79 -6.35 -1.21
CA GLY A 112 5.92 -7.51 -1.24
C GLY A 112 6.23 -8.51 -0.13
N HIS A 113 5.77 -9.74 -0.30
CA HIS A 113 5.80 -10.70 0.80
C HIS A 113 6.08 -12.14 0.35
N GLU A 114 6.69 -12.29 -0.82
CA GLU A 114 7.03 -13.61 -1.37
C GLU A 114 7.88 -14.43 -0.39
N ARG A 115 8.79 -13.77 0.31
CA ARG A 115 9.66 -14.48 1.25
C ARG A 115 9.03 -14.73 2.61
N VAL A 116 7.89 -14.10 2.87
CA VAL A 116 7.33 -14.02 4.23
C VAL A 116 6.22 -15.04 4.51
N ALA A 117 6.41 -15.84 5.56
CA ALA A 117 5.38 -16.78 6.02
C ALA A 117 4.35 -16.11 6.95
N LYS A 118 4.83 -15.31 7.91
CA LYS A 118 3.96 -14.75 8.96
C LYS A 118 4.53 -13.42 9.42
N LEU A 119 3.67 -12.59 10.01
CA LEU A 119 4.08 -11.27 10.50
C LEU A 119 3.58 -11.13 11.94
N ALA A 120 4.48 -10.75 12.86
CA ALA A 120 4.06 -10.48 14.23
C ALA A 120 4.47 -9.07 14.61
N PHE A 121 3.49 -8.28 15.04
CA PHE A 121 3.68 -6.87 15.39
C PHE A 121 3.51 -6.73 16.89
N LEU A 122 4.60 -6.48 17.61
CA LEU A 122 4.55 -6.36 19.07
C LEU A 122 4.80 -4.90 19.45
N ALA A 123 3.90 -4.31 20.26
CA ALA A 123 4.00 -2.89 20.64
C ALA A 123 4.15 -2.01 19.39
N SER A 124 3.11 -2.03 18.55
CA SER A 124 3.14 -1.42 17.20
C SER A 124 3.04 0.10 17.16
N LEU A 125 3.75 0.69 16.18
CA LEU A 125 3.62 2.12 15.86
C LEU A 125 2.35 2.40 15.07
N GLU A 126 1.90 1.39 14.32
CA GLU A 126 0.81 1.55 13.35
C GLU A 126 -0.48 1.95 14.05
N PRO A 127 -1.37 2.65 13.35
CA PRO A 127 -1.23 3.05 11.94
C PRO A 127 -0.57 4.38 11.63
N PHE A 128 -0.62 5.35 12.55
CA PHE A 128 -0.12 6.69 12.29
C PHE A 128 -0.16 7.43 13.62
N LEU A 129 1.00 7.66 14.21
CA LEU A 129 1.05 8.01 15.63
C LEU A 129 0.76 9.47 15.94
N VAL A 130 1.08 10.37 15.01
CA VAL A 130 0.98 11.80 15.30
C VAL A 130 -0.34 12.39 14.83
N GLN A 131 -0.98 13.20 15.68
CA GLN A 131 -2.24 13.82 15.35
C GLN A 131 -2.09 14.80 14.18
N ARG A 132 -3.02 14.69 13.22
CA ARG A 132 -3.08 15.60 12.07
C ARG A 132 -4.56 15.84 11.78
N ASP A 133 -4.84 16.81 10.90
CA ASP A 133 -6.24 17.06 10.53
C ASP A 133 -6.93 15.79 10.00
N ASP A 134 -6.18 14.97 9.26
CA ASP A 134 -6.71 13.72 8.69
C ASP A 134 -6.40 12.49 9.56
N ASN A 135 -5.87 12.75 10.76
CA ASN A 135 -5.54 11.69 11.71
C ASN A 135 -5.86 12.12 13.14
N PRO A 136 -7.14 12.36 13.42
CA PRO A 136 -7.53 12.92 14.72
C PRO A 136 -7.23 11.99 15.90
N GLU A 137 -7.02 10.69 15.66
CA GLU A 137 -6.76 9.74 16.75
C GLU A 137 -5.33 9.78 17.29
N GLY A 138 -4.46 10.50 16.58
CA GLY A 138 -3.04 10.51 16.92
C GLY A 138 -2.71 11.38 18.13
N VAL A 139 -1.44 11.32 18.52
CA VAL A 139 -0.91 12.05 19.68
C VAL A 139 -0.41 13.40 19.20
N PRO A 140 -0.68 14.51 19.92
CA PRO A 140 -0.24 15.84 19.44
C PRO A 140 1.28 15.93 19.17
N GLN A 141 1.61 16.62 18.08
CA GLN A 141 2.99 16.80 17.62
C GLN A 141 3.93 17.26 18.72
N GLU A 142 3.42 18.11 19.62
CA GLU A 142 4.24 18.71 20.66
C GLU A 142 4.94 17.67 21.53
N VAL A 143 4.30 16.51 21.69
CA VAL A 143 4.90 15.41 22.44
C VAL A 143 6.21 14.99 21.79
N PHE A 144 6.19 14.87 20.45
CA PHE A 144 7.35 14.40 19.70
C PHE A 144 8.39 15.49 19.60
N ASP A 145 7.95 16.73 19.44
CA ASP A 145 8.90 17.84 19.50
C ASP A 145 9.67 17.88 20.82
N GLY A 146 8.96 17.63 21.93
CA GLY A 146 9.58 17.61 23.25
C GLY A 146 10.57 16.47 23.39
N ILE A 147 10.20 15.30 22.88
CA ILE A 147 11.09 14.14 22.93
C ILE A 147 12.35 14.40 22.10
N GLU A 148 12.16 14.90 20.89
CA GLU A 148 13.29 15.21 20.02
C GLU A 148 14.23 16.18 20.72
N ALA A 149 13.68 17.22 21.35
CA ALA A 149 14.51 18.22 22.04
C ALA A 149 15.26 17.63 23.24
N ALA A 150 14.61 16.71 23.96
CA ALA A 150 15.26 16.08 25.12
C ALA A 150 16.38 15.16 24.70
N ALA A 151 16.12 14.35 23.66
CA ALA A 151 17.09 13.37 23.16
C ALA A 151 18.30 14.06 22.52
N LYS A 152 18.04 15.17 21.85
CA LYS A 152 19.13 16.01 21.32
C LYS A 152 19.83 16.79 22.44
N GLY A 153 19.06 17.24 23.41
CA GLY A 153 19.56 18.05 24.52
C GLY A 153 20.61 17.39 25.39
N ASP A 154 20.40 16.12 25.73
CA ASP A 154 21.38 15.35 26.50
C ASP A 154 20.87 13.92 26.42
N ARG A 155 21.44 13.15 25.49
CA ARG A 155 20.90 11.81 25.26
C ARG A 155 21.11 10.90 26.46
N PHE A 156 22.16 11.18 27.23
CA PHE A 156 22.49 10.35 28.40
C PHE A 156 21.40 10.45 29.47
N ALA A 157 21.02 11.68 29.79
CA ALA A 157 19.95 11.90 30.76
C ALA A 157 18.61 11.48 30.17
N TRP A 158 18.43 11.74 28.87
CA TRP A 158 17.19 11.35 28.19
C TRP A 158 16.96 9.84 28.29
N PHE A 159 18.00 9.03 28.08
CA PHE A 159 17.71 7.58 28.10
C PHE A 159 17.24 7.11 29.46
N THR A 160 17.78 7.70 30.52
CA THR A 160 17.30 7.41 31.86
C THR A 160 15.81 7.72 31.98
N ASP A 161 15.42 8.92 31.57
CA ASP A 161 14.01 9.31 31.66
C ASP A 161 13.13 8.42 30.82
N PHE A 162 13.61 8.10 29.62
CA PHE A 162 12.85 7.28 28.68
C PHE A 162 12.58 5.89 29.26
N TYR A 163 13.60 5.27 29.86
CA TYR A 163 13.42 3.92 30.37
C TYR A 163 12.44 3.83 31.55
N LYS A 164 12.32 4.92 32.31
CA LYS A 164 11.32 4.95 33.39
C LYS A 164 9.93 4.71 32.81
N ASN A 165 9.64 5.39 31.71
CA ASN A 165 8.33 5.24 31.07
C ASN A 165 8.26 3.99 30.21
N PHE A 166 9.40 3.56 29.68
CA PHE A 166 9.46 2.36 28.84
C PHE A 166 9.01 1.13 29.64
N TYR A 167 9.53 1.03 30.86
CA TYR A 167 9.29 -0.15 31.67
C TYR A 167 8.21 0.04 32.75
N ASN A 168 7.61 1.24 32.83
CA ASN A 168 6.78 1.64 33.98
C ASN A 168 7.49 1.34 35.30
N LEU A 169 8.66 1.92 35.48
CA LEU A 169 9.49 1.56 36.63
C LEU A 169 8.87 1.80 38.01
N ASP A 170 8.03 2.83 38.14
CA ASP A 170 7.35 3.05 39.42
C ASP A 170 6.59 1.80 39.86
N GLU A 171 6.02 1.09 38.89
CA GLU A 171 5.28 -0.14 39.16
C GLU A 171 6.17 -1.39 39.13
N ASN A 172 7.12 -1.42 38.18
CA ASN A 172 7.79 -2.68 37.85
C ASN A 172 9.21 -2.88 38.34
N LEU A 173 9.87 -1.80 38.75
CA LEU A 173 11.25 -1.93 39.24
C LEU A 173 11.25 -2.80 40.50
N GLY A 174 12.08 -3.84 40.50
CA GLY A 174 12.16 -4.75 41.64
C GLY A 174 11.15 -5.89 41.65
N SER A 175 10.17 -5.88 40.72
CA SER A 175 9.18 -6.96 40.63
C SER A 175 9.17 -7.61 39.27
N ARG A 176 9.20 -6.79 38.21
CA ARG A 176 9.30 -7.35 36.87
C ARG A 176 10.56 -6.94 36.10
N ILE A 177 11.34 -6.02 36.66
CA ILE A 177 12.68 -5.76 36.08
C ILE A 177 13.63 -5.30 37.16
N SER A 178 14.85 -5.82 37.16
CA SER A 178 15.83 -5.42 38.17
C SER A 178 16.50 -4.11 37.83
N GLU A 179 17.07 -3.46 38.83
CA GLU A 179 17.86 -2.25 38.61
C GLU A 179 18.99 -2.55 37.62
N GLN A 180 19.58 -3.74 37.75
CA GLN A 180 20.70 -4.13 36.90
C GLN A 180 20.30 -4.30 35.43
N ALA A 181 19.12 -4.87 35.20
CA ALA A 181 18.63 -4.98 33.83
C ALA A 181 18.34 -3.59 33.23
N VAL A 182 17.83 -2.66 34.04
CA VAL A 182 17.62 -1.30 33.57
C VAL A 182 18.96 -0.69 33.19
N THR A 183 19.98 -0.89 34.02
CA THR A 183 21.30 -0.38 33.71
C THR A 183 21.84 -0.98 32.40
N GLY A 184 21.61 -2.27 32.18
CA GLY A 184 21.99 -2.90 30.92
C GLY A 184 21.32 -2.24 29.72
N SER A 185 20.04 -1.90 29.86
CA SER A 185 19.33 -1.17 28.79
C SER A 185 19.99 0.18 28.52
N TRP A 186 20.43 0.86 29.57
CA TRP A 186 21.03 2.18 29.41
C TRP A 186 22.42 2.07 28.76
N ASN A 187 23.20 1.08 29.19
CA ASN A 187 24.53 0.90 28.59
C ASN A 187 24.41 0.64 27.09
N VAL A 188 23.45 -0.17 26.68
CA VAL A 188 23.24 -0.42 25.24
C VAL A 188 22.80 0.86 24.52
N ALA A 189 21.87 1.59 25.14
CA ALA A 189 21.35 2.81 24.54
C ALA A 189 22.47 3.82 24.24
N ILE A 190 23.38 4.04 25.19
CA ILE A 190 24.34 5.13 24.97
C ILE A 190 25.40 4.76 23.93
N GLY A 191 25.46 3.48 23.56
CA GLY A 191 26.36 3.06 22.49
C GLY A 191 25.86 3.40 21.10
N SER A 192 24.58 3.76 20.99
CA SER A 192 24.03 4.13 19.68
C SER A 192 24.67 5.45 19.18
N ALA A 193 24.55 5.70 17.88
CA ALA A 193 25.09 6.94 17.30
C ALA A 193 24.44 8.11 18.03
N PRO A 194 25.21 9.11 18.44
CA PRO A 194 24.60 10.28 19.09
C PRO A 194 23.37 10.82 18.33
N VAL A 195 23.49 10.98 17.02
CA VAL A 195 22.40 11.54 16.23
C VAL A 195 21.17 10.62 16.24
N ALA A 196 21.37 9.30 16.37
CA ALA A 196 20.24 8.36 16.34
C ALA A 196 19.29 8.53 17.52
N ALA A 197 19.76 9.15 18.62
CA ALA A 197 18.88 9.36 19.77
C ALA A 197 17.64 10.17 19.38
N TYR A 198 17.80 11.14 18.48
CA TYR A 198 16.68 12.00 18.08
C TYR A 198 16.31 11.90 16.60
N ALA A 199 17.23 11.42 15.76
CA ALA A 199 16.95 11.38 14.31
C ALA A 199 15.79 10.43 14.00
N VAL A 200 15.54 9.47 14.88
CA VAL A 200 14.46 8.51 14.66
C VAL A 200 13.08 9.07 14.95
N VAL A 201 12.99 10.22 15.63
CA VAL A 201 11.66 10.73 16.02
C VAL A 201 10.72 10.93 14.81
N PRO A 202 11.16 11.62 13.76
CA PRO A 202 10.29 11.74 12.58
C PRO A 202 9.92 10.38 11.95
N ALA A 203 10.82 9.40 12.02
CA ALA A 203 10.50 8.07 11.50
C ALA A 203 9.35 7.42 12.29
N TRP A 204 9.37 7.55 13.62
CA TRP A 204 8.34 6.95 14.47
C TRP A 204 6.95 7.42 14.05
N ILE A 205 6.86 8.68 13.63
CA ILE A 205 5.56 9.29 13.36
C ILE A 205 5.20 9.33 11.89
N GLU A 206 5.87 8.50 11.10
CA GLU A 206 5.47 8.37 9.69
C GLU A 206 4.05 7.80 9.59
N ASP A 207 3.40 8.12 8.49
CA ASP A 207 2.09 7.54 8.22
C ASP A 207 2.25 6.13 7.67
N PHE A 208 1.75 5.13 8.41
CA PHE A 208 1.82 3.74 7.96
C PHE A 208 0.47 3.25 7.44
N ARG A 209 -0.50 4.15 7.25
CA ARG A 209 -1.84 3.64 6.94
C ARG A 209 -1.89 2.93 5.59
N SER A 210 -1.17 3.45 4.60
CA SER A 210 -1.13 2.72 3.32
C SER A 210 -0.32 1.43 3.44
N ASP A 211 0.70 1.41 4.30
CA ASP A 211 1.43 0.17 4.52
C ASP A 211 0.54 -0.88 5.19
N VAL A 212 -0.32 -0.43 6.09
CA VAL A 212 -1.25 -1.34 6.74
C VAL A 212 -2.18 -2.00 5.69
N GLU A 213 -2.58 -1.23 4.69
CA GLU A 213 -3.36 -1.82 3.56
C GLU A 213 -2.59 -2.92 2.85
N ALA A 214 -1.29 -2.72 2.62
CA ALA A 214 -0.47 -3.76 2.00
C ALA A 214 -0.39 -5.00 2.87
N VAL A 215 -0.18 -4.80 4.17
CA VAL A 215 -0.13 -5.93 5.10
C VAL A 215 -1.43 -6.73 5.10
N ARG A 216 -2.54 -6.02 5.19
CA ARG A 216 -3.82 -6.71 5.25
C ARG A 216 -4.09 -7.49 3.95
N ALA A 217 -3.78 -6.86 2.82
CA ALA A 217 -4.02 -7.47 1.51
C ALA A 217 -3.11 -8.67 1.24
N ALA A 218 -1.97 -8.76 1.94
CA ALA A 218 -1.09 -9.91 1.79
C ALA A 218 -1.76 -11.22 2.21
N GLY A 219 -2.67 -11.16 3.18
CA GLY A 219 -3.41 -12.32 3.65
C GLY A 219 -2.54 -13.40 4.29
N LYS A 220 -1.40 -12.99 4.87
CA LYS A 220 -0.52 -13.94 5.55
C LYS A 220 -0.90 -13.89 7.03
N PRO A 221 -0.67 -14.99 7.77
CA PRO A 221 -1.01 -15.00 9.20
C PRO A 221 -0.31 -13.83 9.89
N THR A 222 -1.06 -13.11 10.69
CA THR A 222 -0.61 -11.86 11.32
C THR A 222 -1.03 -11.86 12.78
N LEU A 223 -0.13 -11.38 13.63
CA LEU A 223 -0.38 -11.23 15.06
C LEU A 223 -0.13 -9.77 15.44
N ILE A 224 -1.03 -9.21 16.23
CA ILE A 224 -0.83 -7.87 16.78
C ILE A 224 -0.95 -8.02 18.30
N LEU A 225 0.05 -7.56 19.04
CA LEU A 225 0.10 -7.76 20.49
C LEU A 225 0.56 -6.47 21.15
N HIS A 226 -0.07 -6.08 22.26
CA HIS A 226 0.24 -4.79 22.91
C HIS A 226 -0.04 -4.89 24.39
N GLY A 227 0.71 -4.13 25.19
CA GLY A 227 0.44 -4.05 26.62
C GLY A 227 -0.63 -3.02 26.91
N THR A 228 -1.51 -3.30 27.86
CA THR A 228 -2.55 -2.30 28.19
C THR A 228 -2.06 -1.10 28.98
N LYS A 229 -0.85 -1.15 29.54
CA LYS A 229 -0.30 -0.02 30.27
C LYS A 229 0.93 0.51 29.54
N ASP A 230 0.90 0.43 28.22
CA ASP A 230 1.98 0.98 27.41
C ASP A 230 1.89 2.51 27.43
N ASN A 231 2.88 3.15 28.07
CA ASN A 231 2.91 4.61 28.18
C ASN A 231 3.82 5.28 27.16
N ILE A 232 4.36 4.48 26.24
CA ILE A 232 5.17 4.98 25.13
C ILE A 232 4.30 5.03 23.88
N LEU A 233 3.62 3.91 23.59
CA LEU A 233 2.70 3.82 22.46
C LEU A 233 1.31 3.51 23.02
N PRO A 234 0.51 4.55 23.25
CA PRO A 234 -0.79 4.34 23.91
C PRO A 234 -1.63 3.36 23.10
N ILE A 235 -2.20 2.39 23.79
CA ILE A 235 -2.89 1.30 23.10
C ILE A 235 -4.06 1.77 22.22
N ASP A 236 -4.75 2.83 22.63
CA ASP A 236 -5.86 3.34 21.81
C ASP A 236 -5.39 4.08 20.57
N ALA A 237 -4.16 4.61 20.62
CA ALA A 237 -3.63 5.35 19.47
C ALA A 237 -2.91 4.42 18.47
N THR A 238 -2.70 3.16 18.86
CA THR A 238 -1.93 2.22 18.05
C THR A 238 -2.65 0.89 17.86
N ALA A 239 -2.40 -0.08 18.75
CA ALA A 239 -2.87 -1.43 18.56
C ALA A 239 -4.38 -1.54 18.31
N ARG A 240 -5.18 -0.78 19.06
CA ARG A 240 -6.64 -0.95 18.88
C ARG A 240 -7.08 -0.45 17.49
N ARG A 241 -6.41 0.57 16.99
CA ARG A 241 -6.68 1.04 15.63
C ARG A 241 -6.18 0.07 14.59
N PHE A 242 -4.97 -0.48 14.83
CA PHE A 242 -4.36 -1.47 13.94
C PHE A 242 -5.27 -2.70 13.82
N HIS A 243 -5.81 -3.16 14.96
CA HIS A 243 -6.74 -4.30 15.07
C HIS A 243 -8.03 -3.98 14.27
N GLN A 244 -8.53 -2.76 14.41
CA GLN A 244 -9.73 -2.38 13.66
C GLN A 244 -9.47 -2.44 12.16
N ALA A 245 -8.27 -2.00 11.76
CA ALA A 245 -7.88 -1.97 10.35
C ALA A 245 -7.54 -3.33 9.77
N VAL A 246 -7.10 -4.26 10.61
CA VAL A 246 -6.71 -5.60 10.14
C VAL A 246 -7.42 -6.62 11.03
N PRO A 247 -8.74 -6.74 10.87
CA PRO A 247 -9.51 -7.58 11.79
C PRO A 247 -9.18 -9.07 11.68
N GLU A 248 -8.52 -9.48 10.60
CA GLU A 248 -8.14 -10.88 10.39
C GLU A 248 -6.94 -11.30 11.24
N ALA A 249 -6.20 -10.31 11.73
CA ALA A 249 -5.03 -10.62 12.56
C ALA A 249 -5.43 -11.20 13.90
N ASP A 250 -4.63 -12.14 14.40
CA ASP A 250 -4.75 -12.55 15.79
C ASP A 250 -4.41 -11.34 16.65
N TYR A 251 -5.12 -11.16 17.76
CA TYR A 251 -4.98 -9.94 18.53
C TYR A 251 -4.85 -10.24 20.00
N VAL A 252 -3.78 -9.74 20.64
CA VAL A 252 -3.55 -10.02 22.05
C VAL A 252 -3.28 -8.73 22.81
N GLU A 253 -4.08 -8.46 23.86
CA GLU A 253 -3.77 -7.38 24.80
C GLU A 253 -3.23 -8.00 26.07
N VAL A 254 -2.02 -7.61 26.44
CA VAL A 254 -1.36 -8.16 27.64
C VAL A 254 -1.71 -7.26 28.80
N GLU A 255 -2.57 -7.76 29.68
CA GLU A 255 -3.10 -6.94 30.76
C GLU A 255 -2.00 -6.48 31.70
N GLY A 256 -1.92 -5.16 31.89
CA GLY A 256 -1.03 -4.56 32.86
C GLY A 256 0.39 -4.35 32.36
N ALA A 257 0.65 -4.74 31.11
CA ALA A 257 2.04 -4.71 30.59
C ALA A 257 2.44 -3.32 30.08
N PRO A 258 3.70 -2.95 30.28
CA PRO A 258 4.23 -1.68 29.78
C PRO A 258 4.67 -1.80 28.33
N HIS A 259 5.34 -0.77 27.84
CA HIS A 259 5.95 -0.83 26.52
C HIS A 259 7.03 -1.91 26.47
N GLY A 260 7.85 -1.98 27.52
CA GLY A 260 9.00 -2.88 27.57
C GLY A 260 8.65 -4.31 27.94
N LEU A 261 7.61 -4.83 27.31
CA LEU A 261 7.04 -6.10 27.74
C LEU A 261 7.78 -7.34 27.26
N LEU A 262 8.76 -7.20 26.34
CA LEU A 262 9.57 -8.37 25.99
C LEU A 262 10.27 -8.87 27.23
N TRP A 263 10.63 -7.93 28.12
CA TRP A 263 11.29 -8.33 29.35
C TRP A 263 10.28 -8.56 30.48
N THR A 264 9.46 -7.55 30.75
CA THR A 264 8.61 -7.61 31.97
C THR A 264 7.55 -8.68 31.90
N HIS A 265 7.04 -8.95 30.69
CA HIS A 265 5.99 -9.94 30.48
C HIS A 265 6.47 -10.93 29.43
N ALA A 266 7.71 -11.36 29.57
CA ALA A 266 8.27 -12.34 28.64
C ALA A 266 7.40 -13.59 28.50
N ASP A 267 6.85 -14.07 29.62
CA ASP A 267 6.05 -15.30 29.57
C ASP A 267 4.83 -15.13 28.65
N GLU A 268 4.12 -14.01 28.79
CA GLU A 268 2.93 -13.76 27.99
C GLU A 268 3.28 -13.57 26.52
N VAL A 269 4.37 -12.84 26.28
CA VAL A 269 4.84 -12.67 24.89
C VAL A 269 5.22 -14.02 24.28
N ASN A 270 5.97 -14.81 25.03
CA ASN A 270 6.42 -16.12 24.55
C ASN A 270 5.25 -17.05 24.27
N ALA A 271 4.24 -17.01 25.12
CA ALA A 271 3.07 -17.89 24.95
C ALA A 271 2.34 -17.50 23.67
N ALA A 272 2.18 -16.19 23.45
CA ALA A 272 1.52 -15.73 22.21
C ALA A 272 2.32 -16.10 20.97
N LEU A 273 3.63 -15.91 21.00
CA LEU A 273 4.46 -16.26 19.85
C LEU A 273 4.47 -17.76 19.60
N LYS A 274 4.48 -18.55 20.67
CA LYS A 274 4.53 -20.01 20.50
C LYS A 274 3.26 -20.47 19.77
N THR A 275 2.11 -20.02 20.24
CA THR A 275 0.83 -20.36 19.62
C THR A 275 0.78 -19.92 18.16
N PHE A 276 1.21 -18.68 17.92
CA PHE A 276 1.14 -18.09 16.59
C PHE A 276 2.04 -18.81 15.59
N LEU A 277 3.28 -19.09 15.99
CA LEU A 277 4.24 -19.72 15.09
C LEU A 277 3.86 -21.18 14.81
N ALA A 278 3.13 -21.79 15.72
CA ALA A 278 2.73 -23.20 15.59
C ALA A 278 1.64 -23.37 14.54
N LYS A 279 0.97 -22.28 14.19
CA LYS A 279 -0.09 -22.32 13.16
C LYS A 279 0.48 -22.54 11.77
N GLY B 1 -22.63 -0.62 -31.97
CA GLY B 1 -23.70 0.40 -31.76
C GLY B 1 -23.09 1.78 -31.52
N TYR B 2 -23.93 2.82 -31.61
CA TYR B 2 -23.50 4.18 -31.24
C TYR B 2 -24.51 4.89 -30.38
N ILE B 3 -24.01 5.67 -29.43
CA ILE B 3 -24.85 6.57 -28.64
C ILE B 3 -24.34 7.98 -28.82
N THR B 4 -25.24 8.89 -29.15
CA THR B 4 -24.87 10.30 -29.30
C THR B 4 -24.81 10.98 -27.95
N VAL B 5 -23.71 11.67 -27.66
CA VAL B 5 -23.52 12.28 -26.35
C VAL B 5 -23.29 13.79 -26.43
N GLY B 6 -23.33 14.34 -27.63
CA GLY B 6 -23.12 15.78 -27.77
C GLY B 6 -22.81 16.12 -29.21
N ASN B 7 -22.22 17.30 -29.42
CA ASN B 7 -21.84 17.71 -30.78
C ASN B 7 -20.51 18.41 -30.73
N GLU B 8 -19.73 18.19 -31.79
CA GLU B 8 -18.53 18.99 -32.03
C GLU B 8 -18.76 19.68 -33.36
N ASN B 9 -19.03 20.99 -33.29
CA ASN B 9 -19.41 21.73 -34.47
C ASN B 9 -20.52 21.03 -35.22
N SER B 10 -20.35 20.76 -36.52
CA SER B 10 -21.41 20.15 -37.33
C SER B 10 -21.58 18.63 -37.14
N THR B 11 -20.74 18.03 -36.29
CA THR B 11 -20.72 16.56 -36.15
C THR B 11 -21.27 16.12 -34.80
N PRO B 12 -22.08 15.07 -34.81
CA PRO B 12 -22.49 14.45 -33.53
C PRO B 12 -21.29 13.76 -32.89
N ILE B 13 -21.21 13.82 -31.57
CA ILE B 13 -20.20 13.05 -30.85
C ILE B 13 -20.88 11.74 -30.53
N GLU B 14 -20.38 10.66 -31.13
CA GLU B 14 -20.97 9.33 -31.03
C GLU B 14 -20.01 8.40 -30.34
N LEU B 15 -20.50 7.68 -29.32
CA LEU B 15 -19.66 6.70 -28.65
C LEU B 15 -20.02 5.32 -29.16
N TYR B 16 -18.99 4.59 -29.61
CA TYR B 16 -19.19 3.21 -30.02
C TYR B 16 -19.44 2.35 -28.78
N TYR B 17 -20.38 1.43 -28.86
CA TYR B 17 -20.62 0.52 -27.74
C TYR B 17 -21.09 -0.84 -28.20
N GLU B 18 -20.94 -1.81 -27.29
CA GLU B 18 -21.44 -3.18 -27.49
C GLU B 18 -22.34 -3.54 -26.32
N ASP B 19 -23.35 -4.37 -26.57
CA ASP B 19 -24.39 -4.62 -25.57
C ASP B 19 -24.77 -6.07 -25.75
N GLN B 20 -24.30 -6.93 -24.84
CA GLN B 20 -24.33 -8.38 -25.10
C GLN B 20 -24.87 -9.14 -23.91
N GLY B 21 -25.47 -10.31 -24.16
CA GLY B 21 -25.92 -11.14 -23.04
C GLY B 21 -27.25 -10.70 -22.44
N SER B 22 -27.63 -11.30 -21.32
CA SER B 22 -28.87 -10.93 -20.63
C SER B 22 -28.63 -11.05 -19.14
N GLY B 23 -29.36 -10.27 -18.38
CA GLY B 23 -29.23 -10.28 -16.93
C GLY B 23 -28.95 -8.89 -16.42
N GLN B 24 -28.43 -8.82 -15.19
CA GLN B 24 -28.11 -7.54 -14.59
C GLN B 24 -27.07 -6.84 -15.49
N PRO B 25 -27.24 -5.56 -15.78
CA PRO B 25 -26.29 -4.85 -16.64
C PRO B 25 -24.98 -4.54 -15.91
N VAL B 26 -23.88 -4.80 -16.61
CA VAL B 26 -22.52 -4.55 -16.11
C VAL B 26 -21.90 -3.69 -17.22
N VAL B 27 -21.43 -2.49 -16.88
CA VAL B 27 -20.82 -1.60 -17.87
C VAL B 27 -19.33 -1.55 -17.56
N LEU B 28 -18.51 -1.92 -18.55
CA LEU B 28 -17.05 -1.95 -18.37
C LEU B 28 -16.46 -0.75 -19.12
N ILE B 29 -15.58 0.01 -18.44
CA ILE B 29 -15.07 1.26 -19.00
C ILE B 29 -13.55 1.17 -19.08
N HIS B 30 -13.05 1.08 -20.30
CA HIS B 30 -11.64 0.74 -20.56
C HIS B 30 -10.64 1.83 -20.17
N GLY B 31 -9.37 1.44 -20.20
CA GLY B 31 -8.28 2.37 -19.96
C GLY B 31 -7.65 2.92 -21.23
N TYR B 32 -6.79 3.91 -21.02
CA TYR B 32 -6.04 4.51 -22.09
C TYR B 32 -4.91 3.57 -22.52
N PRO B 33 -4.58 3.48 -23.80
CA PRO B 33 -5.27 4.12 -24.92
C PRO B 33 -6.01 3.04 -25.74
N LEU B 34 -6.72 2.17 -25.03
CA LEU B 34 -7.33 0.98 -25.64
C LEU B 34 -8.79 1.22 -26.00
N ASP B 35 -9.58 0.15 -26.03
CA ASP B 35 -11.01 0.28 -26.35
C ASP B 35 -11.76 -0.84 -25.65
N GLY B 36 -13.06 -0.98 -25.93
CA GLY B 36 -13.86 -1.96 -25.18
C GLY B 36 -13.42 -3.41 -25.34
N HIS B 37 -12.76 -3.73 -26.46
CA HIS B 37 -12.26 -5.09 -26.64
C HIS B 37 -11.13 -5.46 -25.69
N SER B 38 -10.51 -4.48 -25.05
CA SER B 38 -9.42 -4.80 -24.11
C SER B 38 -9.92 -5.59 -22.91
N TRP B 39 -11.24 -5.57 -22.70
CA TRP B 39 -11.90 -6.34 -21.64
C TRP B 39 -12.17 -7.80 -22.03
N GLU B 40 -11.72 -8.23 -23.19
CA GLU B 40 -12.18 -9.53 -23.71
C GLU B 40 -12.05 -10.71 -22.75
N ARG B 41 -10.96 -10.78 -21.99
CA ARG B 41 -10.81 -11.89 -21.05
C ARG B 41 -11.77 -11.85 -19.86
N GLN B 42 -12.28 -10.66 -19.56
CA GLN B 42 -13.31 -10.48 -18.53
C GLN B 42 -14.71 -10.62 -19.11
N THR B 43 -14.94 -9.98 -20.25
CA THR B 43 -16.27 -9.98 -20.86
C THR B 43 -16.81 -11.41 -21.01
N ARG B 44 -16.01 -12.31 -21.54
CA ARG B 44 -16.50 -13.67 -21.80
C ARG B 44 -16.92 -14.40 -20.52
N GLU B 45 -16.22 -14.13 -19.42
CA GLU B 45 -16.58 -14.74 -18.15
C GLU B 45 -17.86 -14.13 -17.55
N LEU B 46 -17.97 -12.82 -17.61
CA LEU B 46 -19.17 -12.16 -17.07
C LEU B 46 -20.41 -12.59 -17.83
N LEU B 47 -20.29 -12.73 -19.15
CA LEU B 47 -21.42 -13.22 -19.95
C LEU B 47 -21.79 -14.65 -19.51
N ALA B 48 -20.78 -15.48 -19.31
CA ALA B 48 -21.00 -16.87 -18.86
C ALA B 48 -21.68 -16.94 -17.49
N GLN B 49 -21.45 -15.93 -16.66
CA GLN B 49 -22.08 -15.83 -15.33
C GLN B 49 -23.50 -15.30 -15.35
N GLY B 50 -24.01 -14.97 -16.54
CA GLY B 50 -25.39 -14.54 -16.66
C GLY B 50 -25.61 -13.05 -16.47
N TYR B 51 -24.61 -12.25 -16.87
CA TYR B 51 -24.73 -10.79 -16.87
C TYR B 51 -24.89 -10.27 -18.27
N ARG B 52 -25.52 -9.11 -18.38
CA ARG B 52 -25.58 -8.37 -19.64
C ARG B 52 -24.37 -7.45 -19.60
N VAL B 53 -23.43 -7.67 -20.49
CA VAL B 53 -22.18 -6.92 -20.48
C VAL B 53 -22.15 -5.87 -21.58
N ILE B 54 -22.00 -4.62 -21.16
CA ILE B 54 -21.93 -3.49 -22.08
C ILE B 54 -20.54 -2.88 -21.96
N THR B 55 -19.92 -2.59 -23.10
CA THR B 55 -18.71 -1.77 -23.09
C THR B 55 -18.94 -0.59 -24.01
N TYR B 56 -18.25 0.51 -23.74
CA TYR B 56 -18.25 1.58 -24.73
C TYR B 56 -16.84 2.14 -24.83
N ASP B 57 -16.58 2.85 -25.92
CA ASP B 57 -15.26 3.44 -26.14
C ASP B 57 -15.32 4.91 -25.76
N ARG B 58 -14.36 5.32 -24.94
CA ARG B 58 -14.28 6.71 -24.49
C ARG B 58 -14.12 7.62 -25.69
N ARG B 59 -14.65 8.84 -25.61
CA ARG B 59 -14.49 9.77 -26.73
C ARG B 59 -13.01 9.89 -27.10
N GLY B 60 -12.71 9.90 -28.40
CA GLY B 60 -11.34 9.95 -28.85
C GLY B 60 -10.66 8.61 -29.07
N PHE B 61 -11.25 7.53 -28.54
CA PHE B 61 -10.64 6.21 -28.58
C PHE B 61 -11.48 5.19 -29.33
N GLY B 62 -10.82 4.14 -29.80
CA GLY B 62 -11.54 3.03 -30.43
C GLY B 62 -12.43 3.50 -31.57
N GLY B 63 -13.70 3.12 -31.52
CA GLY B 63 -14.67 3.42 -32.56
C GLY B 63 -15.43 4.72 -32.32
N SER B 64 -15.07 5.47 -31.29
CA SER B 64 -15.86 6.67 -30.93
C SER B 64 -15.36 7.92 -31.63
N SER B 65 -16.18 8.97 -31.62
CA SER B 65 -15.81 10.22 -32.32
C SER B 65 -14.43 10.74 -31.91
N LYS B 66 -13.66 11.15 -32.92
CA LYS B 66 -12.27 11.57 -32.69
C LYS B 66 -12.25 13.08 -32.47
N VAL B 67 -12.78 13.49 -31.31
CA VAL B 67 -13.02 14.91 -31.04
C VAL B 67 -11.77 15.64 -30.57
N ASN B 68 -11.86 16.96 -30.57
CA ASN B 68 -10.75 17.78 -30.09
C ASN B 68 -10.94 18.25 -28.66
N THR B 69 -12.17 18.26 -28.18
CA THR B 69 -12.41 18.80 -26.82
C THR B 69 -13.14 17.85 -25.91
N GLY B 70 -13.18 18.24 -24.64
CA GLY B 70 -13.87 17.46 -23.62
C GLY B 70 -13.04 16.34 -23.01
N TYR B 71 -11.71 16.44 -23.10
CA TYR B 71 -10.87 15.43 -22.45
C TYR B 71 -10.65 15.80 -20.98
N ASP B 72 -11.72 15.69 -20.20
CA ASP B 72 -11.69 16.03 -18.78
C ASP B 72 -12.76 15.19 -18.12
N TYR B 73 -12.65 14.92 -16.82
CA TYR B 73 -13.57 13.97 -16.21
C TYR B 73 -15.00 14.48 -16.07
N ASP B 74 -15.20 15.79 -16.01
CA ASP B 74 -16.59 16.26 -16.00
C ASP B 74 -17.27 15.83 -17.29
N THR B 75 -16.57 15.98 -18.41
CA THR B 75 -17.13 15.54 -19.70
C THR B 75 -17.22 14.02 -19.82
N PHE B 76 -16.16 13.31 -19.43
CA PHE B 76 -16.21 11.84 -19.50
C PHE B 76 -17.38 11.30 -18.67
N ALA B 77 -17.66 11.93 -17.51
CA ALA B 77 -18.77 11.51 -16.67
C ALA B 77 -20.11 11.84 -17.32
N ALA B 78 -20.19 12.99 -17.98
CA ALA B 78 -21.39 13.38 -18.72
C ALA B 78 -21.66 12.38 -19.84
N ASP B 79 -20.58 11.92 -20.49
CA ASP B 79 -20.72 10.91 -21.52
C ASP B 79 -21.27 9.61 -20.93
N LEU B 80 -20.73 9.16 -19.80
CA LEU B 80 -21.24 7.96 -19.15
C LEU B 80 -22.73 8.13 -18.78
N HIS B 81 -23.05 9.31 -18.22
CA HIS B 81 -24.42 9.65 -17.88
C HIS B 81 -25.34 9.45 -19.07
N THR B 82 -24.96 10.00 -20.22
CA THR B 82 -25.80 9.88 -21.40
C THR B 82 -25.92 8.42 -21.86
N VAL B 83 -24.84 7.65 -21.75
CA VAL B 83 -24.93 6.22 -22.06
C VAL B 83 -25.97 5.53 -21.18
N LEU B 84 -25.88 5.75 -19.86
CA LEU B 84 -26.80 5.08 -18.94
C LEU B 84 -28.24 5.56 -19.12
N GLU B 85 -28.41 6.85 -19.40
CA GLU B 85 -29.78 7.40 -19.60
C GLU B 85 -30.38 6.90 -20.91
N THR B 86 -29.55 6.85 -21.95
CA THR B 86 -30.04 6.42 -23.27
C THR B 86 -30.48 4.97 -23.25
N LEU B 87 -29.71 4.13 -22.58
CA LEU B 87 -30.00 2.71 -22.47
C LEU B 87 -30.95 2.42 -21.32
N ASP B 88 -31.22 3.45 -20.52
CA ASP B 88 -32.07 3.40 -19.32
C ASP B 88 -31.71 2.21 -18.44
N LEU B 89 -30.44 2.12 -18.11
CA LEU B 89 -29.97 1.01 -17.32
C LEU B 89 -30.21 1.26 -15.83
N ARG B 90 -30.70 0.24 -15.15
CA ARG B 90 -30.90 0.35 -13.72
C ARG B 90 -30.19 -0.80 -13.02
N ASP B 91 -29.90 -0.60 -11.74
CA ASP B 91 -29.23 -1.63 -10.92
C ASP B 91 -27.93 -2.03 -11.62
N VAL B 92 -27.20 -1.02 -12.10
CA VAL B 92 -26.02 -1.28 -12.94
C VAL B 92 -24.76 -1.52 -12.12
N VAL B 93 -23.95 -2.47 -12.56
CA VAL B 93 -22.63 -2.65 -11.98
C VAL B 93 -21.68 -1.87 -12.86
N LEU B 94 -21.03 -0.84 -12.34
CA LEU B 94 -20.04 -0.09 -13.11
C LEU B 94 -18.65 -0.62 -12.77
N VAL B 95 -17.86 -0.88 -13.80
CA VAL B 95 -16.50 -1.39 -13.63
C VAL B 95 -15.57 -0.51 -14.43
N GLY B 96 -14.57 0.07 -13.77
CA GLY B 96 -13.62 0.91 -14.50
C GLY B 96 -12.23 0.33 -14.38
N PHE B 97 -11.45 0.46 -15.44
CA PHE B 97 -10.04 0.10 -15.38
C PHE B 97 -9.23 1.35 -15.76
N SER B 98 -8.23 1.67 -14.93
CA SER B 98 -7.30 2.77 -15.19
C SER B 98 -8.09 4.08 -15.46
N MET B 99 -8.03 4.68 -16.65
CA MET B 99 -8.87 5.87 -16.88
C MET B 99 -10.33 5.66 -16.51
N GLY B 100 -10.85 4.45 -16.70
CA GLY B 100 -12.26 4.19 -16.43
C GLY B 100 -12.63 4.36 -14.95
N THR B 101 -11.65 4.24 -14.05
CA THR B 101 -11.95 4.47 -12.63
C THR B 101 -12.31 5.92 -12.35
N GLY B 102 -11.85 6.84 -13.21
CA GLY B 102 -12.22 8.25 -13.09
C GLY B 102 -13.69 8.47 -13.44
N GLU B 103 -14.18 7.84 -14.51
CA GLU B 103 -15.62 7.96 -14.81
C GLU B 103 -16.44 7.57 -13.62
N LEU B 104 -16.13 6.45 -12.97
CA LEU B 104 -17.00 5.94 -11.91
C LEU B 104 -17.16 6.98 -10.79
N ALA B 105 -16.05 7.52 -10.29
CA ALA B 105 -16.13 8.41 -9.14
C ALA B 105 -16.76 9.74 -9.50
N ARG B 106 -16.34 10.31 -10.64
CA ARG B 106 -16.91 11.59 -11.07
C ARG B 106 -18.39 11.45 -11.39
N TYR B 107 -18.78 10.31 -11.96
CA TYR B 107 -20.19 10.08 -12.26
C TYR B 107 -21.04 10.03 -10.97
N VAL B 108 -20.59 9.26 -9.99
CA VAL B 108 -21.36 9.15 -8.73
C VAL B 108 -21.51 10.55 -8.10
N ALA B 109 -20.45 11.35 -8.13
CA ALA B 109 -20.52 12.67 -7.52
C ALA B 109 -21.40 13.64 -8.30
N ARG B 110 -21.18 13.70 -9.62
CA ARG B 110 -21.86 14.71 -10.43
C ARG B 110 -23.27 14.32 -10.84
N TYR B 111 -23.53 13.01 -10.96
CA TYR B 111 -24.82 12.50 -11.45
C TYR B 111 -25.51 11.56 -10.47
N GLY B 112 -24.90 11.34 -9.31
CA GLY B 112 -25.57 10.57 -8.27
C GLY B 112 -25.50 9.06 -8.42
N HIS B 113 -26.06 8.37 -7.45
CA HIS B 113 -25.95 6.90 -7.40
C HIS B 113 -27.25 6.16 -7.74
N GLU B 114 -28.29 6.89 -8.17
CA GLU B 114 -29.61 6.26 -8.35
C GLU B 114 -29.63 5.01 -9.26
N ARG B 115 -28.82 5.01 -10.33
CA ARG B 115 -28.84 3.89 -11.28
C ARG B 115 -27.87 2.80 -10.89
N VAL B 116 -27.07 3.04 -9.86
CA VAL B 116 -25.90 2.19 -9.56
C VAL B 116 -26.19 1.13 -8.51
N ALA B 117 -25.88 -0.13 -8.84
CA ALA B 117 -25.94 -1.23 -7.86
C ALA B 117 -24.59 -1.47 -7.17
N LYS B 118 -23.52 -1.50 -7.97
CA LYS B 118 -22.18 -1.85 -7.46
C LYS B 118 -21.14 -1.08 -8.24
N LEU B 119 -19.96 -0.91 -7.64
CA LEU B 119 -18.85 -0.18 -8.25
C LEU B 119 -17.57 -1.03 -8.12
N ALA B 120 -16.86 -1.24 -9.23
CA ALA B 120 -15.57 -1.94 -9.16
C ALA B 120 -14.51 -1.05 -9.80
N PHE B 121 -13.45 -0.77 -9.04
CA PHE B 121 -12.37 0.12 -9.49
C PHE B 121 -11.11 -0.72 -9.63
N LEU B 122 -10.64 -0.89 -10.88
CA LEU B 122 -9.47 -1.74 -11.15
C LEU B 122 -8.34 -0.86 -11.66
N ALA B 123 -7.18 -0.91 -11.00
CA ALA B 123 -6.05 -0.04 -11.34
C ALA B 123 -6.44 1.44 -11.33
N SER B 124 -6.82 1.91 -10.15
CA SER B 124 -7.47 3.22 -9.96
C SER B 124 -6.52 4.42 -10.02
N LEU B 125 -7.05 5.52 -10.55
CA LEU B 125 -6.39 6.83 -10.49
C LEU B 125 -6.50 7.46 -9.10
N GLU B 126 -7.58 7.13 -8.38
CA GLU B 126 -7.97 7.81 -7.14
C GLU B 126 -6.94 7.60 -6.03
N PRO B 127 -6.86 8.52 -5.07
CA PRO B 127 -7.71 9.73 -4.95
C PRO B 127 -7.24 11.02 -5.61
N PHE B 128 -5.93 11.16 -5.87
CA PHE B 128 -5.41 12.39 -6.45
C PHE B 128 -3.97 12.10 -6.81
N LEU B 129 -3.71 11.94 -8.11
CA LEU B 129 -2.46 11.32 -8.55
C LEU B 129 -1.23 12.22 -8.53
N VAL B 130 -1.41 13.51 -8.69
CA VAL B 130 -0.27 14.41 -8.83
C VAL B 130 0.11 15.05 -7.49
N GLN B 131 1.41 15.12 -7.24
CA GLN B 131 1.92 15.73 -6.03
C GLN B 131 1.60 17.23 -5.96
N ARG B 132 1.09 17.66 -4.80
CA ARG B 132 0.82 19.08 -4.53
C ARG B 132 1.15 19.33 -3.07
N ASP B 133 1.13 20.60 -2.65
CA ASP B 133 1.40 20.92 -1.24
C ASP B 133 0.43 20.23 -0.30
N ASP B 134 -0.84 20.15 -0.70
CA ASP B 134 -1.86 19.44 0.08
C ASP B 134 -2.03 17.97 -0.32
N ASN B 135 -1.08 17.47 -1.12
CA ASN B 135 -1.10 16.09 -1.58
C ASN B 135 0.31 15.53 -1.75
N PRO B 136 1.06 15.39 -0.65
CA PRO B 136 2.47 14.99 -0.75
C PRO B 136 2.68 13.58 -1.27
N GLU B 137 1.66 12.72 -1.21
CA GLU B 137 1.79 11.31 -1.62
C GLU B 137 1.75 11.12 -3.16
N GLY B 138 1.39 12.17 -3.88
CA GLY B 138 1.23 12.09 -5.33
C GLY B 138 2.54 12.00 -6.10
N VAL B 139 2.42 11.76 -7.38
CA VAL B 139 3.55 11.64 -8.30
C VAL B 139 3.91 13.05 -8.78
N PRO B 140 5.20 13.42 -8.80
CA PRO B 140 5.56 14.78 -9.19
C PRO B 140 5.04 15.22 -10.57
N GLN B 141 4.63 16.48 -10.67
CA GLN B 141 4.13 17.08 -11.90
C GLN B 141 5.03 16.82 -13.12
N GLU B 142 6.34 16.85 -12.90
CA GLU B 142 7.28 16.70 -14.02
C GLU B 142 7.10 15.38 -14.78
N VAL B 143 6.68 14.33 -14.08
CA VAL B 143 6.42 13.05 -14.72
C VAL B 143 5.33 13.24 -15.80
N PHE B 144 4.28 13.96 -15.43
CA PHE B 144 3.16 14.19 -16.36
C PHE B 144 3.51 15.14 -17.47
N ASP B 145 4.28 16.19 -17.15
CA ASP B 145 4.73 17.10 -18.20
C ASP B 145 5.56 16.33 -19.24
N GLY B 146 6.39 15.39 -18.77
CA GLY B 146 7.20 14.56 -19.64
C GLY B 146 6.37 13.66 -20.55
N ILE B 147 5.35 13.03 -19.97
CA ILE B 147 4.48 12.15 -20.74
C ILE B 147 3.71 12.97 -21.77
N GLU B 148 3.18 14.11 -21.34
CA GLU B 148 2.42 14.97 -22.24
C GLU B 148 3.29 15.36 -23.45
N ALA B 149 4.54 15.73 -23.19
CA ALA B 149 5.43 16.14 -24.28
C ALA B 149 5.79 14.97 -25.19
N ALA B 150 5.97 13.78 -24.63
CA ALA B 150 6.29 12.59 -25.43
C ALA B 150 5.11 12.20 -26.33
N ALA B 151 3.91 12.21 -25.75
CA ALA B 151 2.71 11.80 -26.48
C ALA B 151 2.33 12.81 -27.57
N LYS B 152 2.58 14.09 -27.30
CA LYS B 152 2.40 15.12 -28.31
C LYS B 152 3.50 15.07 -29.35
N GLY B 153 4.73 14.82 -28.90
CA GLY B 153 5.91 14.82 -29.74
C GLY B 153 5.87 13.79 -30.86
N ASP B 154 5.46 12.56 -30.53
CA ASP B 154 5.32 11.51 -31.54
C ASP B 154 4.52 10.39 -30.89
N ARG B 155 3.20 10.40 -31.11
CA ARG B 155 2.36 9.44 -30.40
C ARG B 155 2.68 7.99 -30.78
N PHE B 156 3.16 7.79 -32.01
CA PHE B 156 3.44 6.43 -32.49
C PHE B 156 4.57 5.80 -31.68
N ALA B 157 5.65 6.57 -31.52
CA ALA B 157 6.78 6.08 -30.74
C ALA B 157 6.42 6.05 -29.26
N TRP B 158 5.65 7.05 -28.81
CA TRP B 158 5.22 7.10 -27.41
C TRP B 158 4.43 5.84 -27.02
N PHE B 159 3.50 5.40 -27.87
CA PHE B 159 2.71 4.23 -27.45
C PHE B 159 3.57 2.99 -27.26
N THR B 160 4.59 2.83 -28.09
CA THR B 160 5.54 1.72 -27.91
C THR B 160 6.21 1.79 -26.54
N ASP B 161 6.69 2.97 -26.18
CA ASP B 161 7.33 3.18 -24.88
C ASP B 161 6.36 2.95 -23.72
N PHE B 162 5.15 3.47 -23.86
CA PHE B 162 4.12 3.35 -22.82
C PHE B 162 3.80 1.89 -22.54
N TYR B 163 3.66 1.08 -23.58
CA TYR B 163 3.23 -0.28 -23.37
C TYR B 163 4.28 -1.14 -22.66
N LYS B 164 5.56 -0.76 -22.80
CA LYS B 164 6.61 -1.45 -22.04
C LYS B 164 6.35 -1.36 -20.53
N ASN B 165 5.98 -0.17 -20.07
CA ASN B 165 5.73 0.05 -18.66
C ASN B 165 4.32 -0.38 -18.27
N PHE B 166 3.39 -0.31 -19.21
CA PHE B 166 2.01 -0.74 -18.99
C PHE B 166 1.96 -2.21 -18.60
N TYR B 167 2.71 -3.05 -19.33
CA TYR B 167 2.64 -4.49 -19.14
C TYR B 167 3.84 -5.06 -18.37
N ASN B 168 4.77 -4.20 -17.94
CA ASN B 168 6.07 -4.67 -17.42
C ASN B 168 6.72 -5.67 -18.38
N LEU B 169 6.95 -5.25 -19.61
CA LEU B 169 7.34 -6.20 -20.64
C LEU B 169 8.68 -6.90 -20.36
N ASP B 170 9.62 -6.23 -19.69
CA ASP B 170 10.90 -6.92 -19.36
C ASP B 170 10.64 -8.21 -18.59
N GLU B 171 9.61 -8.19 -17.73
CA GLU B 171 9.22 -9.34 -16.94
C GLU B 171 8.23 -10.26 -17.65
N ASN B 172 7.28 -9.65 -18.38
CA ASN B 172 6.11 -10.40 -18.78
C ASN B 172 6.03 -10.77 -20.26
N LEU B 173 6.83 -10.13 -21.10
CA LEU B 173 6.80 -10.46 -22.52
C LEU B 173 7.21 -11.91 -22.72
N GLY B 174 6.35 -12.70 -23.37
CA GLY B 174 6.61 -14.11 -23.61
C GLY B 174 6.21 -15.07 -22.50
N SER B 175 5.78 -14.54 -21.35
CA SER B 175 5.26 -15.38 -20.27
C SER B 175 3.80 -15.07 -19.93
N ARG B 176 3.49 -13.78 -19.79
CA ARG B 176 2.11 -13.35 -19.52
C ARG B 176 1.51 -12.49 -20.63
N ILE B 177 2.31 -12.08 -21.60
CA ILE B 177 1.74 -11.43 -22.80
C ILE B 177 2.62 -11.69 -24.01
N SER B 178 2.00 -12.05 -25.12
CA SER B 178 2.73 -12.32 -26.36
C SER B 178 3.09 -11.03 -27.09
N GLU B 179 4.13 -11.11 -27.91
CA GLU B 179 4.53 -10.02 -28.79
C GLU B 179 3.34 -9.58 -29.63
N GLN B 180 2.56 -10.56 -30.09
CA GLN B 180 1.41 -10.27 -30.95
C GLN B 180 0.32 -9.51 -30.22
N ALA B 181 0.04 -9.89 -28.97
CA ALA B 181 -0.92 -9.13 -28.17
C ALA B 181 -0.44 -7.69 -27.93
N VAL B 182 0.86 -7.52 -27.74
CA VAL B 182 1.38 -6.16 -27.58
C VAL B 182 1.17 -5.37 -28.86
N THR B 183 1.42 -5.98 -30.01
CA THR B 183 1.16 -5.29 -31.28
C THR B 183 -0.32 -4.95 -31.41
N GLY B 184 -1.19 -5.86 -30.99
CA GLY B 184 -2.62 -5.54 -31.02
C GLY B 184 -2.95 -4.30 -30.19
N SER B 185 -2.33 -4.18 -29.01
CA SER B 185 -2.53 -2.99 -28.20
C SER B 185 -2.06 -1.72 -28.92
N TRP B 186 -0.94 -1.81 -29.61
CA TRP B 186 -0.40 -0.67 -30.34
C TRP B 186 -1.30 -0.30 -31.53
N ASN B 187 -1.78 -1.30 -32.27
CA ASN B 187 -2.66 -0.99 -33.40
C ASN B 187 -3.94 -0.26 -32.95
N VAL B 188 -4.51 -0.68 -31.83
CA VAL B 188 -5.69 0.00 -31.31
C VAL B 188 -5.32 1.42 -30.85
N ALA B 189 -4.18 1.57 -30.17
CA ALA B 189 -3.78 2.89 -29.69
C ALA B 189 -3.66 3.91 -30.81
N ILE B 190 -3.00 3.55 -31.91
CA ILE B 190 -2.75 4.57 -32.93
C ILE B 190 -4.02 4.96 -33.68
N GLY B 191 -5.09 4.19 -33.53
CA GLY B 191 -6.37 4.58 -34.12
C GLY B 191 -7.07 5.70 -33.36
N SER B 192 -6.63 5.98 -32.13
CA SER B 192 -7.23 7.07 -31.36
C SER B 192 -7.00 8.44 -32.02
N ALA B 193 -7.78 9.46 -31.62
CA ALA B 193 -7.60 10.80 -32.16
C ALA B 193 -6.18 11.26 -31.83
N PRO B 194 -5.46 11.84 -32.78
CA PRO B 194 -4.11 12.32 -32.48
C PRO B 194 -4.05 13.15 -31.18
N VAL B 195 -4.98 14.09 -31.02
CA VAL B 195 -4.96 14.95 -29.84
C VAL B 195 -5.17 14.17 -28.54
N ALA B 196 -5.90 13.05 -28.63
CA ALA B 196 -6.27 12.29 -27.44
C ALA B 196 -5.06 11.62 -26.78
N ALA B 197 -3.98 11.44 -27.55
CA ALA B 197 -2.77 10.82 -26.97
C ALA B 197 -2.25 11.64 -25.78
N TYR B 198 -2.35 12.97 -25.87
CA TYR B 198 -1.86 13.82 -24.77
C TYR B 198 -2.93 14.63 -24.06
N ALA B 199 -4.07 14.86 -24.72
CA ALA B 199 -5.09 15.73 -24.10
C ALA B 199 -5.62 15.15 -22.79
N VAL B 200 -5.54 13.82 -22.65
CA VAL B 200 -6.03 13.16 -21.44
C VAL B 200 -5.11 13.34 -20.23
N VAL B 201 -3.87 13.78 -20.44
CA VAL B 201 -2.93 13.88 -19.30
C VAL B 201 -3.47 14.72 -18.13
N PRO B 202 -3.93 15.95 -18.36
CA PRO B 202 -4.49 16.73 -17.25
C PRO B 202 -5.70 16.05 -16.60
N ALA B 203 -6.46 15.28 -17.39
CA ALA B 203 -7.59 14.56 -16.79
C ALA B 203 -7.14 13.51 -15.77
N TRP B 204 -6.06 12.79 -16.09
CA TRP B 204 -5.54 11.74 -15.21
C TRP B 204 -5.28 12.26 -13.80
N ILE B 205 -4.84 13.52 -13.74
CA ILE B 205 -4.33 14.07 -12.48
C ILE B 205 -5.29 15.03 -11.82
N GLU B 206 -6.57 14.95 -12.20
CA GLU B 206 -7.59 15.72 -11.50
C GLU B 206 -7.73 15.24 -10.05
N ASP B 207 -8.21 16.13 -9.20
CA ASP B 207 -8.41 15.79 -7.79
C ASP B 207 -9.74 15.06 -7.65
N PHE B 208 -9.71 13.79 -7.24
CA PHE B 208 -10.93 13.02 -7.02
C PHE B 208 -11.28 12.88 -5.54
N ARG B 209 -10.65 13.65 -4.66
CA ARG B 209 -10.84 13.36 -3.24
C ARG B 209 -12.30 13.57 -2.79
N SER B 210 -12.93 14.64 -3.26
CA SER B 210 -14.34 14.86 -2.90
C SER B 210 -15.25 13.86 -3.63
N ASP B 211 -14.88 13.48 -4.85
CA ASP B 211 -15.66 12.46 -5.56
C ASP B 211 -15.66 11.15 -4.77
N VAL B 212 -14.49 10.80 -4.22
CA VAL B 212 -14.36 9.55 -3.49
C VAL B 212 -15.23 9.57 -2.21
N GLU B 213 -15.35 10.75 -1.62
CA GLU B 213 -16.22 10.92 -0.45
C GLU B 213 -17.67 10.64 -0.85
N ALA B 214 -18.07 11.05 -2.05
CA ALA B 214 -19.44 10.74 -2.53
C ALA B 214 -19.57 9.24 -2.78
N VAL B 215 -18.54 8.62 -3.34
CA VAL B 215 -18.54 7.18 -3.50
C VAL B 215 -18.73 6.47 -2.16
N ARG B 216 -17.97 6.88 -1.16
CA ARG B 216 -18.09 6.27 0.16
C ARG B 216 -19.53 6.43 0.71
N ALA B 217 -20.04 7.65 0.65
CA ALA B 217 -21.37 7.95 1.20
C ALA B 217 -22.48 7.16 0.50
N ALA B 218 -22.31 6.83 -0.78
CA ALA B 218 -23.33 6.10 -1.51
C ALA B 218 -23.60 4.72 -0.89
N GLY B 219 -22.58 4.14 -0.26
CA GLY B 219 -22.75 2.90 0.49
C GLY B 219 -23.17 1.70 -0.35
N LYS B 220 -22.72 1.66 -1.60
CA LYS B 220 -22.98 0.52 -2.48
C LYS B 220 -21.82 -0.45 -2.37
N PRO B 221 -22.05 -1.73 -2.64
CA PRO B 221 -20.95 -2.70 -2.68
C PRO B 221 -19.89 -2.20 -3.65
N THR B 222 -18.65 -2.14 -3.17
CA THR B 222 -17.57 -1.53 -3.92
C THR B 222 -16.36 -2.46 -3.84
N LEU B 223 -15.64 -2.58 -4.97
CA LEU B 223 -14.39 -3.35 -5.03
C LEU B 223 -13.31 -2.40 -5.50
N ILE B 224 -12.13 -2.51 -4.86
CA ILE B 224 -10.94 -1.77 -5.31
C ILE B 224 -9.85 -2.83 -5.48
N LEU B 225 -9.23 -2.84 -6.65
CA LEU B 225 -8.27 -3.90 -6.98
C LEU B 225 -7.09 -3.26 -7.69
N HIS B 226 -5.87 -3.71 -7.39
CA HIS B 226 -4.69 -3.11 -7.99
C HIS B 226 -3.55 -4.13 -8.03
N GLY B 227 -2.65 -3.97 -9.00
CA GLY B 227 -1.45 -4.80 -9.07
C GLY B 227 -0.31 -4.25 -8.23
N THR B 228 0.43 -5.13 -7.54
CA THR B 228 1.51 -4.63 -6.68
C THR B 228 2.76 -4.20 -7.45
N LYS B 229 2.84 -4.49 -8.75
CA LYS B 229 3.95 -4.04 -9.57
C LYS B 229 3.46 -3.11 -10.65
N ASP B 230 2.47 -2.29 -10.30
CA ASP B 230 1.94 -1.33 -11.26
C ASP B 230 2.91 -0.16 -11.35
N ASN B 231 3.53 -0.03 -12.53
CA ASN B 231 4.53 1.02 -12.77
C ASN B 231 3.99 2.23 -13.51
N ILE B 232 2.66 2.26 -13.68
CA ILE B 232 1.96 3.40 -14.28
C ILE B 232 1.27 4.17 -13.15
N LEU B 233 0.47 3.44 -12.36
CA LEU B 233 -0.24 4.02 -11.21
C LEU B 233 0.30 3.37 -9.94
N PRO B 234 1.24 4.02 -9.28
CA PRO B 234 1.89 3.39 -8.12
C PRO B 234 0.85 3.05 -7.07
N ILE B 235 0.92 1.82 -6.55
CA ILE B 235 -0.10 1.32 -5.65
C ILE B 235 -0.15 2.15 -4.35
N ASP B 236 1.00 2.66 -3.91
CA ASP B 236 1.01 3.52 -2.70
C ASP B 236 0.36 4.87 -2.91
N ALA B 237 0.40 5.35 -4.15
CA ALA B 237 -0.15 6.67 -4.47
C ALA B 237 -1.65 6.58 -4.80
N THR B 238 -2.13 5.36 -5.00
CA THR B 238 -3.51 5.18 -5.49
C THR B 238 -4.32 4.24 -4.61
N ALA B 239 -4.33 2.95 -4.94
CA ALA B 239 -5.20 1.97 -4.30
C ALA B 239 -5.11 1.99 -2.76
N ARG B 240 -3.88 2.06 -2.23
CA ARG B 240 -3.73 1.97 -0.78
C ARG B 240 -4.27 3.21 -0.06
N ARG B 241 -4.30 4.35 -0.75
CA ARG B 241 -4.93 5.55 -0.22
C ARG B 241 -6.44 5.48 -0.44
N PHE B 242 -6.82 4.96 -1.61
CA PHE B 242 -8.23 4.89 -2.01
C PHE B 242 -9.01 4.03 -1.03
N HIS B 243 -8.45 2.90 -0.62
CA HIS B 243 -9.17 2.02 0.29
C HIS B 243 -9.39 2.68 1.66
N GLN B 244 -8.43 3.48 2.11
CA GLN B 244 -8.63 4.25 3.35
C GLN B 244 -9.87 5.14 3.28
N ALA B 245 -10.13 5.67 2.08
CA ALA B 245 -11.24 6.60 1.89
C ALA B 245 -12.56 5.88 1.63
N VAL B 246 -12.50 4.59 1.29
CA VAL B 246 -13.72 3.77 1.14
C VAL B 246 -13.49 2.45 1.87
N PRO B 247 -13.39 2.50 3.19
CA PRO B 247 -12.96 1.33 3.95
C PRO B 247 -13.93 0.15 3.89
N GLU B 248 -15.20 0.42 3.55
CA GLU B 248 -16.17 -0.67 3.39
C GLU B 248 -16.00 -1.46 2.09
N ALA B 249 -15.20 -0.93 1.17
CA ALA B 249 -14.97 -1.64 -0.08
C ALA B 249 -14.20 -2.93 0.15
N ASP B 250 -14.51 -3.95 -0.65
CA ASP B 250 -13.66 -5.12 -0.79
C ASP B 250 -12.36 -4.66 -1.44
N TYR B 251 -11.26 -5.26 -1.04
CA TYR B 251 -9.95 -4.76 -1.45
C TYR B 251 -9.07 -5.93 -1.86
N VAL B 252 -8.50 -5.85 -3.07
CA VAL B 252 -7.67 -6.93 -3.58
C VAL B 252 -6.40 -6.37 -4.16
N GLU B 253 -5.25 -6.85 -3.67
CA GLU B 253 -3.98 -6.56 -4.31
C GLU B 253 -3.53 -7.81 -5.06
N VAL B 254 -3.23 -7.66 -6.34
CA VAL B 254 -2.85 -8.81 -7.14
C VAL B 254 -1.33 -8.87 -7.12
N GLU B 255 -0.77 -9.88 -6.45
CA GLU B 255 0.67 -9.95 -6.23
C GLU B 255 1.44 -10.06 -7.53
N GLY B 256 2.38 -9.13 -7.72
CA GLY B 256 3.28 -9.18 -8.86
C GLY B 256 2.70 -8.64 -10.16
N ALA B 257 1.47 -8.14 -10.13
CA ALA B 257 0.81 -7.73 -11.39
C ALA B 257 1.17 -6.32 -11.83
N PRO B 258 1.21 -6.08 -13.15
CA PRO B 258 1.53 -4.75 -13.68
C PRO B 258 0.25 -3.94 -13.81
N HIS B 259 0.37 -2.78 -14.47
CA HIS B 259 -0.82 -1.98 -14.76
C HIS B 259 -1.79 -2.74 -15.66
N GLY B 260 -1.24 -3.41 -16.69
CA GLY B 260 -2.06 -4.06 -17.70
C GLY B 260 -2.58 -5.44 -17.31
N LEU B 261 -3.12 -5.51 -16.09
CA LEU B 261 -3.41 -6.80 -15.48
C LEU B 261 -4.73 -7.44 -15.94
N LEU B 262 -5.56 -6.70 -16.69
CA LEU B 262 -6.74 -7.34 -17.26
C LEU B 262 -6.29 -8.47 -18.16
N TRP B 263 -5.14 -8.29 -18.84
CA TRP B 263 -4.63 -9.32 -19.72
C TRP B 263 -3.68 -10.24 -18.94
N THR B 264 -2.66 -9.66 -18.31
CA THR B 264 -1.57 -10.51 -17.76
C THR B 264 -2.04 -11.36 -16.60
N HIS B 265 -2.99 -10.84 -15.82
CA HIS B 265 -3.49 -11.51 -14.62
C HIS B 265 -5.01 -11.64 -14.70
N ALA B 266 -5.48 -12.00 -15.89
CA ALA B 266 -6.93 -12.14 -16.14
C ALA B 266 -7.57 -13.09 -15.12
N ASP B 267 -6.87 -14.18 -14.78
CA ASP B 267 -7.46 -15.13 -13.84
C ASP B 267 -7.76 -14.50 -12.49
N GLU B 268 -6.81 -13.72 -11.96
CA GLU B 268 -6.99 -13.09 -10.67
C GLU B 268 -8.06 -12.02 -10.72
N VAL B 269 -8.07 -11.26 -11.82
CA VAL B 269 -9.08 -10.21 -11.96
C VAL B 269 -10.47 -10.85 -12.04
N ASN B 270 -10.57 -11.91 -12.85
CA ASN B 270 -11.84 -12.62 -13.03
C ASN B 270 -12.35 -13.23 -11.72
N ALA B 271 -11.43 -13.79 -10.94
CA ALA B 271 -11.85 -14.40 -9.66
C ALA B 271 -12.40 -13.32 -8.72
N ALA B 272 -11.73 -12.17 -8.66
CA ALA B 272 -12.20 -11.08 -7.81
C ALA B 272 -13.57 -10.56 -8.28
N LEU B 273 -13.73 -10.39 -9.59
CA LEU B 273 -15.02 -9.92 -10.11
C LEU B 273 -16.12 -10.94 -9.87
N LYS B 274 -15.81 -12.22 -10.04
CA LYS B 274 -16.83 -13.26 -9.89
C LYS B 274 -17.38 -13.24 -8.45
N THR B 275 -16.47 -13.22 -7.49
CA THR B 275 -16.82 -13.16 -6.06
C THR B 275 -17.65 -11.93 -5.74
N PHE B 276 -17.19 -10.78 -6.27
CA PHE B 276 -17.81 -9.50 -6.01
C PHE B 276 -19.22 -9.42 -6.59
N LEU B 277 -19.36 -9.86 -7.82
CA LEU B 277 -20.67 -9.81 -8.47
C LEU B 277 -21.67 -10.78 -7.83
N ALA B 278 -21.17 -11.86 -7.22
CA ALA B 278 -22.04 -12.87 -6.63
C ALA B 278 -22.66 -12.40 -5.32
N LYS B 279 -22.08 -11.36 -4.72
CA LYS B 279 -22.61 -10.82 -3.45
C LYS B 279 -23.96 -10.15 -3.63
#